data_9J1B
#
_entry.id   9J1B
#
_cell.length_a   117.380
_cell.length_b   113.720
_cell.length_c   83.710
_cell.angle_alpha   90.00
_cell.angle_beta   127.27
_cell.angle_gamma   90.00
#
_symmetry.space_group_name_H-M   'C 1 2 1'
#
loop_
_entity.id
_entity.type
_entity.pdbx_description
1 polymer Concanavalin-A
2 non-polymer 'MANGANESE (II) ION'
3 non-polymer 'CALCIUM ION'
4 non-polymer ~{N}-[2-[(2~{S},3~{S},4~{S},5~{S},6~{R})-6-(hydroxymethyl)-3,4,5-tris(oxidanyl)oxan-2-yl]oxyethyl]-4-[3-[4-[2-[(2~{S},3~{S},4~{S},5~{S},6~{R})-6-(hydroxymethyl)-3,4,5-tris(oxidanyl)oxan-2-yl]oxyethylcarbamoyl]phenyl]imidazol-3-ium-1-yl]benzamide
5 water water
#
_entity_poly.entity_id   1
_entity_poly.type   'polypeptide(L)'
_entity_poly.pdbx_seq_one_letter_code
;ADTIVAVELDTYPNTDIGDPSYPHIGIDIKSVRSKKTAKWNMQNGKVGTAHIIYNSVDKRLSAVVSYPNADSATVSYDVD
LDNVLPEWVRVGLSASTGLYKETNTILSWSFTSKLKSNSTHETNALHFMFNQFSKDQKDLILQGDATTGTDGNLELTRVS
SNGSPQGSSVGRALFYAPVHIWESSAVVASFEATFTFLIKSPDSHPADGIAFFISNIDSSIPSGSTGRLLGLFPDAN
;
_entity_poly.pdbx_strand_id   A,B
#
# COMPACT_ATOMS: atom_id res chain seq x y z
N ALA A 1 -11.86 26.21 11.68
CA ALA A 1 -10.46 25.74 11.85
C ALA A 1 -10.07 24.86 10.66
N ASP A 2 -8.78 24.58 10.56
CA ASP A 2 -8.22 23.62 9.59
C ASP A 2 -8.85 22.25 9.90
N THR A 3 -8.96 21.37 8.89
CA THR A 3 -9.13 19.90 9.02
C THR A 3 -7.74 19.29 9.03
N ILE A 4 -7.43 18.44 10.01
CA ILE A 4 -6.08 17.85 10.23
C ILE A 4 -6.24 16.36 10.47
N VAL A 5 -5.53 15.55 9.66
CA VAL A 5 -5.24 14.11 9.88
C VAL A 5 -3.72 14.04 10.07
N ALA A 6 -3.23 13.49 11.18
CA ALA A 6 -1.78 13.58 11.47
C ALA A 6 -1.32 12.26 12.06
N VAL A 7 -0.06 11.95 11.82
CA VAL A 7 0.71 10.90 12.53
C VAL A 7 1.71 11.67 13.37
N GLU A 8 1.67 11.51 14.69
CA GLU A 8 2.51 12.28 15.64
C GLU A 8 3.62 11.36 16.19
N LEU A 9 4.85 11.86 16.15
CA LEU A 9 6.00 11.36 16.93
C LEU A 9 6.08 12.27 18.18
N ASP A 10 5.44 11.89 19.27
CA ASP A 10 5.20 12.76 20.46
C ASP A 10 6.21 12.37 21.53
N THR A 11 7.22 13.23 21.78
CA THR A 11 8.38 12.94 22.67
C THR A 11 8.09 13.29 24.13
N TYR A 12 6.98 14.00 24.43
CA TYR A 12 6.69 14.61 25.76
C TYR A 12 5.27 14.27 26.24
N PRO A 13 5.16 13.58 27.43
CA PRO A 13 3.88 13.13 28.00
C PRO A 13 3.09 14.23 28.71
N ASN A 14 2.11 14.78 27.99
CA ASN A 14 1.07 15.69 28.51
C ASN A 14 -0.11 14.83 29.00
N THR A 15 0.06 14.14 30.13
CA THR A 15 -0.93 13.19 30.73
C THR A 15 -2.24 13.90 31.12
N ASP A 16 -2.22 15.24 31.33
CA ASP A 16 -3.49 15.97 31.55
C ASP A 16 -4.34 16.06 30.28
N ILE A 17 -3.82 15.82 29.06
CA ILE A 17 -4.68 15.82 27.84
C ILE A 17 -4.68 14.46 27.12
N GLY A 18 -4.62 13.35 27.85
CA GLY A 18 -4.84 11.99 27.29
C GLY A 18 -3.56 11.34 26.81
N ASP A 19 -2.39 11.99 26.89
CA ASP A 19 -1.11 11.33 26.49
C ASP A 19 -0.82 10.19 27.46
N PRO A 20 -0.23 9.06 27.03
CA PRO A 20 0.35 8.13 27.99
C PRO A 20 1.63 8.74 28.59
N SER A 21 2.20 8.10 29.63
CA SER A 21 3.34 8.58 30.47
C SER A 21 4.71 8.51 29.76
N TYR A 22 4.77 7.98 28.54
CA TYR A 22 6.05 7.70 27.82
C TYR A 22 6.01 8.36 26.45
N PRO A 23 7.17 8.58 25.78
CA PRO A 23 7.19 8.91 24.35
C PRO A 23 6.36 7.87 23.60
N HIS A 24 5.59 8.35 22.62
CA HIS A 24 4.62 7.55 21.84
C HIS A 24 4.53 8.08 20.40
N ILE A 25 3.99 7.25 19.51
CA ILE A 25 3.50 7.62 18.16
C ILE A 25 1.98 7.45 18.16
N GLY A 26 1.29 8.21 17.31
CA GLY A 26 -0.16 8.34 17.43
C GLY A 26 -0.77 8.73 16.12
N ILE A 27 -2.03 8.35 15.95
CA ILE A 27 -2.83 8.76 14.78
C ILE A 27 -3.85 9.76 15.30
N ASP A 28 -3.79 10.99 14.78
CA ASP A 28 -4.62 12.15 15.18
C ASP A 28 -5.64 12.44 14.07
N ILE A 29 -6.93 12.23 14.35
CA ILE A 29 -8.07 12.60 13.45
C ILE A 29 -8.80 13.79 14.08
N LYS A 30 -8.46 15.01 13.65
CA LYS A 30 -9.11 16.27 14.03
C LYS A 30 -8.95 16.56 15.52
N SER A 31 -8.05 15.87 16.23
CA SER A 31 -7.75 16.22 17.65
C SER A 31 -6.34 15.79 18.00
N VAL A 32 -5.72 16.51 18.94
CA VAL A 32 -4.37 16.18 19.48
C VAL A 32 -4.47 14.95 20.38
N ARG A 33 -5.67 14.62 20.86
CA ARG A 33 -5.91 13.39 21.63
C ARG A 33 -6.01 12.22 20.65
N SER A 34 -4.87 11.62 20.38
CA SER A 34 -4.70 10.49 19.45
C SER A 34 -5.86 9.48 19.63
N LYS A 35 -6.45 9.05 18.53
CA LYS A 35 -7.39 7.90 18.45
C LYS A 35 -6.65 6.59 18.74
N LYS A 36 -5.36 6.46 18.40
CA LYS A 36 -4.56 5.27 18.75
C LYS A 36 -3.10 5.69 18.89
N THR A 37 -2.43 5.13 19.89
CA THR A 37 -1.05 5.44 20.30
C THR A 37 -0.27 4.15 20.46
N ALA A 38 1.06 4.20 20.40
CA ALA A 38 1.93 3.05 20.74
C ALA A 38 3.22 3.63 21.27
N LYS A 39 3.82 2.86 22.17
CA LYS A 39 5.02 3.26 22.93
C LYS A 39 6.13 3.39 21.89
N TRP A 40 7.05 4.30 22.15
CA TRP A 40 8.12 4.66 21.21
C TRP A 40 9.36 5.06 22.02
N ASN A 41 10.42 4.26 21.92
CA ASN A 41 11.78 4.47 22.48
C ASN A 41 12.52 5.40 21.52
N MET A 42 12.11 6.65 21.50
CA MET A 42 12.81 7.71 20.75
C MET A 42 14.29 7.63 21.14
N GLN A 43 15.22 7.72 20.20
CA GLN A 43 16.68 7.72 20.52
C GLN A 43 17.21 9.13 20.27
N ASN A 44 17.45 9.83 21.37
CA ASN A 44 18.06 11.19 21.44
C ASN A 44 19.37 11.20 20.62
N GLY A 45 19.42 12.05 19.59
CA GLY A 45 20.61 12.30 18.76
C GLY A 45 20.81 11.32 17.62
N LYS A 46 19.95 10.30 17.49
CA LYS A 46 19.99 9.30 16.38
C LYS A 46 19.01 9.68 15.25
N VAL A 47 19.41 9.40 14.02
CA VAL A 47 18.59 9.50 12.77
C VAL A 47 17.56 8.36 12.75
N GLY A 48 16.28 8.72 12.75
CA GLY A 48 15.15 7.78 12.69
C GLY A 48 14.42 7.87 11.36
N THR A 49 13.49 6.96 11.11
CA THR A 49 12.76 6.82 9.84
C THR A 49 11.29 6.58 10.16
N ALA A 50 10.38 7.40 9.60
CA ALA A 50 8.92 7.15 9.66
C ALA A 50 8.37 6.79 8.28
N HIS A 51 7.57 5.73 8.20
CA HIS A 51 6.85 5.28 6.98
C HIS A 51 5.36 5.38 7.29
N ILE A 52 4.59 6.10 6.50
CA ILE A 52 3.12 6.21 6.71
C ILE A 52 2.46 5.63 5.48
N ILE A 53 1.40 4.85 5.61
CA ILE A 53 0.67 4.32 4.42
C ILE A 53 -0.84 4.37 4.63
N TYR A 54 -1.57 4.59 3.55
CA TYR A 54 -3.06 4.50 3.52
C TYR A 54 -3.50 3.90 2.19
N ASN A 55 -4.47 2.99 2.20
CA ASN A 55 -5.23 2.74 0.94
C ASN A 55 -6.74 2.74 1.25
N SER A 56 -7.53 3.01 0.22
CA SER A 56 -9.01 3.17 0.24
C SER A 56 -9.69 1.80 0.26
N VAL A 57 -8.95 0.71 0.04
CA VAL A 57 -9.51 -0.67 0.08
C VAL A 57 -9.55 -1.10 1.56
N ASP A 58 -8.41 -1.06 2.25
CA ASP A 58 -8.28 -1.36 3.71
C ASP A 58 -8.90 -0.26 4.56
N LYS A 59 -8.89 1.01 4.09
CA LYS A 59 -9.31 2.19 4.90
C LYS A 59 -8.57 2.16 6.25
N ARG A 60 -7.29 1.78 6.25
CA ARG A 60 -6.42 1.66 7.44
C ARG A 60 -5.24 2.63 7.27
N LEU A 61 -5.08 3.59 8.19
CA LEU A 61 -3.93 4.53 8.22
C LEU A 61 -2.91 3.98 9.20
N SER A 62 -1.72 3.62 8.70
CA SER A 62 -0.67 2.96 9.49
C SER A 62 0.62 3.77 9.44
N ALA A 63 1.40 3.69 10.51
CA ALA A 63 2.72 4.33 10.64
C ALA A 63 3.66 3.35 11.33
N VAL A 64 4.91 3.34 10.89
CA VAL A 64 6.02 2.54 11.45
C VAL A 64 7.17 3.51 11.64
N VAL A 65 7.76 3.51 12.83
CA VAL A 65 8.95 4.35 13.14
C VAL A 65 10.02 3.42 13.68
N SER A 66 11.23 3.55 13.17
CA SER A 66 12.33 2.62 13.43
C SER A 66 13.61 3.44 13.49
N TYR A 67 14.61 2.89 14.17
CA TYR A 67 16.01 3.39 14.18
C TYR A 67 16.90 2.22 13.75
N PRO A 68 18.13 2.41 13.20
CA PRO A 68 19.02 1.26 12.99
C PRO A 68 19.19 0.42 14.27
N ASN A 69 18.94 -0.89 14.15
CA ASN A 69 19.29 -1.96 15.13
C ASN A 69 18.33 -1.93 16.31
N ALA A 70 17.09 -1.47 16.14
CA ALA A 70 16.09 -1.43 17.23
C ALA A 70 14.78 -2.04 16.76
N ASP A 71 13.99 -2.55 17.69
CA ASP A 71 12.55 -2.81 17.50
C ASP A 71 11.88 -1.54 16.93
N SER A 72 10.89 -1.75 16.08
CA SER A 72 10.01 -0.71 15.51
C SER A 72 8.85 -0.44 16.49
N ALA A 73 8.19 0.70 16.30
CA ALA A 73 6.85 1.01 16.85
C ALA A 73 5.92 1.24 15.67
N THR A 74 4.73 0.67 15.72
CA THR A 74 3.73 0.76 14.65
C THR A 74 2.37 1.08 15.27
N VAL A 75 1.54 1.78 14.54
CA VAL A 75 0.18 2.15 15.02
C VAL A 75 -0.68 2.22 13.78
N SER A 76 -1.92 1.77 13.92
CA SER A 76 -2.92 1.56 12.84
C SER A 76 -4.27 1.99 13.37
N TYR A 77 -5.00 2.75 12.57
CA TYR A 77 -6.39 3.11 12.91
C TYR A 77 -7.21 3.00 11.63
N ASP A 78 -8.31 2.25 11.71
CA ASP A 78 -9.38 2.15 10.68
C ASP A 78 -10.07 3.50 10.60
N VAL A 79 -9.94 4.13 9.45
CA VAL A 79 -10.60 5.44 9.21
C VAL A 79 -10.78 5.57 7.72
N ASP A 80 -11.93 6.09 7.34
CA ASP A 80 -12.31 6.36 5.93
C ASP A 80 -12.00 7.84 5.68
N LEU A 81 -10.86 8.14 5.09
CA LEU A 81 -10.39 9.55 4.95
C LEU A 81 -11.23 10.32 3.90
N ASP A 82 -12.01 9.64 3.05
CA ASP A 82 -13.01 10.27 2.14
C ASP A 82 -14.09 11.02 2.95
N ASN A 83 -14.25 10.67 4.24
CA ASN A 83 -15.26 11.23 5.18
C ASN A 83 -14.69 12.26 6.15
N VAL A 84 -13.39 12.55 6.09
CA VAL A 84 -12.72 13.43 7.08
C VAL A 84 -12.04 14.60 6.36
N LEU A 85 -11.34 14.32 5.27
CA LEU A 85 -10.53 15.31 4.52
C LEU A 85 -11.35 15.85 3.36
N PRO A 86 -11.10 17.09 2.90
CA PRO A 86 -11.58 17.51 1.58
C PRO A 86 -10.88 16.65 0.50
N GLU A 87 -11.34 16.73 -0.75
CA GLU A 87 -10.82 15.97 -1.90
C GLU A 87 -9.39 16.44 -2.20
N TRP A 88 -9.18 17.75 -2.11
CA TRP A 88 -7.86 18.39 -2.35
C TRP A 88 -7.32 18.87 -1.02
N VAL A 89 -6.07 18.51 -0.76
CA VAL A 89 -5.35 18.80 0.48
C VAL A 89 -3.94 19.31 0.19
N ARG A 90 -3.22 19.66 1.26
CA ARG A 90 -1.73 19.72 1.27
C ARG A 90 -1.17 18.77 2.31
N VAL A 91 0.06 18.35 2.06
CA VAL A 91 0.80 17.43 2.93
C VAL A 91 1.98 18.23 3.47
N GLY A 92 2.37 17.90 4.70
CA GLY A 92 3.30 18.72 5.46
C GLY A 92 3.93 17.97 6.61
N LEU A 93 4.99 18.60 7.13
CA LEU A 93 5.71 18.28 8.37
C LEU A 93 5.56 19.48 9.31
N SER A 94 5.32 19.19 10.59
CA SER A 94 5.06 20.14 11.70
C SER A 94 5.90 19.70 12.89
N ALA A 95 6.41 20.64 13.68
CA ALA A 95 7.03 20.35 14.99
C ALA A 95 6.86 21.53 15.95
N SER A 96 7.12 21.30 17.22
CA SER A 96 6.99 22.32 18.29
C SER A 96 7.95 22.02 19.43
N THR A 97 8.23 23.07 20.20
CA THR A 97 8.89 23.03 21.52
C THR A 97 8.01 23.88 22.43
N GLY A 98 8.16 23.73 23.74
CA GLY A 98 7.41 24.53 24.73
C GLY A 98 8.34 24.99 25.84
N LEU A 99 8.03 24.61 27.08
CA LEU A 99 8.97 24.81 28.20
C LEU A 99 10.25 23.99 27.89
N TYR A 100 10.10 22.74 27.44
CA TYR A 100 11.24 21.86 27.03
C TYR A 100 11.36 21.79 25.49
N LYS A 101 12.48 21.31 24.98
CA LYS A 101 12.96 21.62 23.60
C LYS A 101 13.72 20.43 23.02
N GLU A 102 13.94 20.46 21.71
CA GLU A 102 14.65 19.42 20.94
C GLU A 102 14.88 20.02 19.55
N THR A 103 15.95 19.61 18.87
CA THR A 103 16.06 19.79 17.40
C THR A 103 14.92 18.98 16.80
N ASN A 104 14.26 19.54 15.78
CA ASN A 104 13.25 18.84 14.95
C ASN A 104 13.78 18.86 13.52
N THR A 105 14.84 18.09 13.30
CA THR A 105 15.62 18.07 12.05
C THR A 105 15.04 17.00 11.11
N ILE A 106 14.70 17.42 9.89
CA ILE A 106 14.32 16.52 8.75
C ILE A 106 15.47 16.43 7.72
N LEU A 107 15.94 15.22 7.45
CA LEU A 107 17.11 14.93 6.57
C LEU A 107 16.62 14.54 5.16
N SER A 108 15.41 14.01 5.06
CA SER A 108 14.76 13.61 3.79
C SER A 108 13.26 13.45 4.00
N TRP A 109 12.50 13.66 2.93
CA TRP A 109 11.03 13.48 2.92
C TRP A 109 10.64 13.03 1.52
N SER A 110 9.89 11.94 1.42
CA SER A 110 9.24 11.53 0.15
C SER A 110 7.75 11.31 0.37
N PHE A 111 6.99 11.27 -0.71
CA PHE A 111 5.50 11.19 -0.70
C PHE A 111 5.04 10.74 -2.06
N THR A 112 4.09 9.80 -2.08
CA THR A 112 3.38 9.31 -3.27
C THR A 112 1.88 9.23 -2.99
N SER A 113 1.07 9.62 -3.97
CA SER A 113 -0.41 9.57 -3.97
C SER A 113 -0.85 9.07 -5.34
N LYS A 114 -1.86 8.18 -5.41
CA LYS A 114 -2.40 7.65 -6.68
C LYS A 114 -3.91 7.55 -6.59
N LEU A 115 -4.64 7.91 -7.65
CA LEU A 115 -6.05 7.57 -7.89
C LEU A 115 -6.15 6.63 -9.09
N LYS A 116 -6.80 5.48 -8.95
CA LYS A 116 -7.08 4.54 -10.07
C LYS A 116 -8.60 4.49 -10.23
N SER A 117 -9.06 5.11 -11.31
CA SER A 117 -10.48 5.43 -11.65
C SER A 117 -11.35 4.23 -12.00
N ASN A 118 -12.65 4.45 -11.81
CA ASN A 118 -13.74 3.49 -12.14
C ASN A 118 -14.50 4.03 -13.35
N SER A 119 -14.65 5.36 -13.43
CA SER A 119 -15.36 6.03 -14.54
C SER A 119 -14.60 5.82 -15.85
N THR A 120 -13.29 6.03 -15.80
CA THR A 120 -12.42 5.97 -17.00
C THR A 120 -11.37 4.86 -16.87
N HIS A 121 -11.27 4.23 -15.71
CA HIS A 121 -10.26 3.15 -15.54
C HIS A 121 -8.85 3.62 -15.92
N GLU A 122 -8.45 4.81 -15.44
CA GLU A 122 -7.09 5.41 -15.67
C GLU A 122 -6.61 6.10 -14.38
N THR A 123 -5.30 6.23 -14.20
CA THR A 123 -4.72 6.69 -12.91
C THR A 123 -4.12 8.10 -12.94
N ASN A 124 -4.28 8.86 -11.84
CA ASN A 124 -3.60 10.16 -11.56
C ASN A 124 -2.60 9.98 -10.42
N ALA A 125 -1.48 10.71 -10.41
CA ALA A 125 -0.32 10.39 -9.53
C ALA A 125 0.58 11.60 -9.29
N LEU A 126 1.06 11.72 -8.05
CA LEU A 126 2.05 12.70 -7.61
C LEU A 126 3.08 12.00 -6.72
N HIS A 127 4.35 12.27 -6.96
CA HIS A 127 5.49 11.73 -6.20
C HIS A 127 6.48 12.86 -6.09
N PHE A 128 6.88 13.23 -4.88
CA PHE A 128 8.11 14.04 -4.67
C PHE A 128 9.06 13.27 -3.73
N MET A 129 10.34 13.58 -3.86
CA MET A 129 11.43 13.10 -2.99
C MET A 129 12.44 14.24 -2.78
N PHE A 130 12.65 14.66 -1.55
CA PHE A 130 13.79 15.49 -1.13
C PHE A 130 14.71 14.57 -0.36
N ASN A 131 15.97 14.45 -0.79
CA ASN A 131 17.08 13.86 -0.02
C ASN A 131 18.00 14.98 0.43
N GLN A 132 18.10 16.08 -0.31
CA GLN A 132 18.67 17.36 0.16
C GLN A 132 17.55 18.41 0.15
N PHE A 133 17.62 19.40 1.04
CA PHE A 133 16.85 20.66 0.98
C PHE A 133 17.87 21.78 0.79
N SER A 134 17.52 22.79 -0.01
CA SER A 134 18.35 23.97 -0.28
C SER A 134 17.75 25.20 0.39
N LYS A 135 18.58 26.25 0.47
CA LYS A 135 18.35 27.56 1.12
C LYS A 135 17.10 28.24 0.53
N ASP A 136 16.82 27.99 -0.75
CA ASP A 136 15.65 28.56 -1.42
C ASP A 136 14.86 27.41 -2.04
N GLN A 137 13.98 26.79 -1.24
CA GLN A 137 13.23 25.59 -1.64
C GLN A 137 11.82 26.00 -2.08
N LYS A 138 11.68 26.41 -3.35
CA LYS A 138 10.47 27.02 -3.94
C LYS A 138 9.30 26.04 -4.09
N ASP A 139 9.49 24.73 -3.88
CA ASP A 139 8.37 23.76 -3.88
C ASP A 139 7.97 23.43 -2.43
N LEU A 140 8.55 24.09 -1.43
CA LEU A 140 8.03 24.04 -0.04
C LEU A 140 7.43 25.38 0.38
N ILE A 141 6.33 25.32 1.14
CA ILE A 141 5.74 26.47 1.85
C ILE A 141 6.22 26.33 3.29
N LEU A 142 7.14 27.22 3.72
CA LEU A 142 7.65 27.28 5.10
C LEU A 142 6.78 28.26 5.89
N GLN A 143 6.40 27.84 7.09
CA GLN A 143 5.51 28.57 8.02
C GLN A 143 6.14 28.54 9.43
N GLY A 144 5.88 29.58 10.22
CA GLY A 144 6.42 29.69 11.58
C GLY A 144 7.92 29.75 11.52
N ASP A 145 8.63 28.93 12.31
CA ASP A 145 10.10 29.07 12.53
C ASP A 145 10.88 28.22 11.52
N ALA A 146 10.21 27.47 10.63
CA ALA A 146 10.84 26.45 9.76
C ALA A 146 11.85 27.09 8.82
N THR A 147 13.01 26.45 8.64
CA THR A 147 14.08 26.95 7.74
C THR A 147 14.72 25.79 7.01
N THR A 148 15.40 26.08 5.91
CA THR A 148 16.11 25.08 5.08
C THR A 148 17.50 25.60 4.75
N GLY A 149 18.40 24.69 4.36
CA GLY A 149 19.75 25.03 3.93
C GLY A 149 20.82 24.81 4.98
N THR A 150 20.45 24.64 6.24
CA THR A 150 21.53 24.40 7.22
C THR A 150 21.83 22.90 7.13
N ASP A 151 22.97 22.55 6.51
CA ASP A 151 23.48 21.18 6.22
C ASP A 151 22.56 20.48 5.21
N GLY A 152 21.85 21.22 4.36
CA GLY A 152 20.90 20.60 3.43
C GLY A 152 19.77 19.88 4.16
N ASN A 153 19.34 20.43 5.29
CA ASN A 153 18.31 19.80 6.14
C ASN A 153 17.20 20.80 6.39
N LEU A 154 16.01 20.31 6.71
CA LEU A 154 14.88 21.21 7.02
C LEU A 154 14.80 21.29 8.54
N GLU A 155 14.98 22.47 9.10
CA GLU A 155 14.88 22.67 10.57
C GLU A 155 13.45 23.16 10.84
N LEU A 156 12.60 22.33 11.43
CA LEU A 156 11.18 22.70 11.62
C LEU A 156 11.08 23.75 12.74
N THR A 157 11.92 23.67 13.77
CA THR A 157 11.92 24.60 14.91
C THR A 157 13.30 25.25 15.05
N ARG A 158 13.30 26.41 15.69
CA ARG A 158 14.42 27.37 15.82
C ARG A 158 15.60 26.71 16.54
N VAL A 159 16.75 26.70 15.87
CA VAL A 159 18.05 26.26 16.44
C VAL A 159 19.04 27.43 16.34
N SER A 160 19.85 27.64 17.38
CA SER A 160 20.96 28.64 17.35
C SER A 160 22.04 28.15 16.36
N SER A 161 23.00 29.01 16.02
CA SER A 161 24.17 28.69 15.15
C SER A 161 25.04 27.55 15.74
N ASN A 162 25.28 27.51 17.05
CA ASN A 162 26.13 26.44 17.65
C ASN A 162 25.36 25.10 17.61
N GLY A 163 24.02 25.15 17.51
CA GLY A 163 23.15 23.95 17.38
C GLY A 163 22.21 23.75 18.58
N SER A 164 21.91 24.80 19.36
CA SER A 164 21.02 24.73 20.55
C SER A 164 19.55 25.03 20.20
N PRO A 165 18.65 24.07 20.48
CA PRO A 165 17.23 24.25 20.19
C PRO A 165 16.56 25.22 21.17
N GLN A 166 15.64 26.03 20.65
CA GLN A 166 14.87 27.03 21.43
C GLN A 166 13.48 26.45 21.76
N GLY A 167 12.95 26.92 22.90
CA GLY A 167 11.63 26.60 23.48
C GLY A 167 10.61 27.54 22.89
N SER A 168 9.32 27.24 23.02
CA SER A 168 8.23 28.11 22.50
C SER A 168 8.41 28.34 20.99
N SER A 169 9.01 27.38 20.28
CA SER A 169 9.11 27.37 18.80
C SER A 169 8.01 26.49 18.18
N VAL A 170 7.54 26.87 16.98
CA VAL A 170 6.63 26.06 16.15
C VAL A 170 6.97 26.30 14.67
N GLY A 171 6.82 25.26 13.86
CA GLY A 171 7.27 25.33 12.46
C GLY A 171 6.65 24.28 11.61
N ARG A 172 6.41 24.59 10.33
CA ARG A 172 5.89 23.58 9.39
C ARG A 172 6.52 23.77 8.02
N ALA A 173 6.48 22.71 7.21
CA ALA A 173 6.81 22.74 5.76
C ALA A 173 5.73 21.95 5.02
N LEU A 174 5.13 22.54 4.00
CA LEU A 174 4.03 21.96 3.16
C LEU A 174 4.50 21.85 1.71
N PHE A 175 4.14 20.76 1.03
CA PHE A 175 4.47 20.66 -0.40
C PHE A 175 3.63 21.71 -1.10
N TYR A 176 4.25 22.42 -2.02
CA TYR A 176 3.64 23.58 -2.72
C TYR A 176 2.33 23.14 -3.36
N ALA A 177 2.26 21.91 -3.85
CA ALA A 177 1.16 21.49 -4.74
C ALA A 177 0.04 20.87 -3.92
N PRO A 178 -1.21 21.31 -4.13
CA PRO A 178 -2.38 20.56 -3.66
C PRO A 178 -2.38 19.16 -4.24
N VAL A 179 -2.80 18.17 -3.46
CA VAL A 179 -2.82 16.73 -3.81
C VAL A 179 -4.28 16.30 -3.89
N HIS A 180 -4.66 15.56 -4.93
CA HIS A 180 -6.04 15.01 -5.08
C HIS A 180 -6.07 13.69 -4.29
N ILE A 181 -6.53 13.72 -3.04
CA ILE A 181 -6.28 12.59 -2.08
C ILE A 181 -7.41 11.55 -2.23
N TRP A 182 -8.57 11.95 -2.72
CA TRP A 182 -9.66 10.98 -2.94
C TRP A 182 -10.59 11.51 -4.01
N GLU A 183 -11.43 10.61 -4.50
CA GLU A 183 -12.29 10.78 -5.68
C GLU A 183 -13.31 9.65 -5.59
N SER A 184 -14.61 9.97 -5.49
CA SER A 184 -15.69 8.96 -5.35
C SER A 184 -15.69 8.03 -6.58
N SER A 185 -15.25 8.53 -7.74
CA SER A 185 -15.21 7.81 -9.05
C SER A 185 -13.99 6.87 -9.15
N ALA A 186 -13.28 6.59 -8.05
CA ALA A 186 -12.03 5.81 -8.03
C ALA A 186 -12.24 4.42 -7.40
N VAL A 187 -11.36 3.47 -7.75
CA VAL A 187 -11.36 2.05 -7.31
C VAL A 187 -10.36 1.87 -6.14
N VAL A 188 -9.22 2.55 -6.19
CA VAL A 188 -8.19 2.50 -5.13
C VAL A 188 -7.53 3.89 -5.11
N ALA A 189 -7.71 4.58 -3.99
CA ALA A 189 -6.98 5.80 -3.62
C ALA A 189 -5.94 5.28 -2.63
N SER A 190 -4.70 5.76 -2.70
CA SER A 190 -3.63 5.33 -1.77
C SER A 190 -2.59 6.45 -1.70
N PHE A 191 -1.95 6.61 -0.55
CA PHE A 191 -0.72 7.43 -0.44
C PHE A 191 0.29 6.75 0.47
N GLU A 192 1.53 7.23 0.44
CA GLU A 192 2.59 6.88 1.42
C GLU A 192 3.44 8.12 1.64
N ALA A 193 4.04 8.26 2.80
CA ALA A 193 5.07 9.25 3.09
C ALA A 193 6.19 8.56 3.85
N THR A 194 7.38 9.11 3.71
CA THR A 194 8.61 8.64 4.40
C THR A 194 9.43 9.87 4.74
N PHE A 195 9.93 9.95 5.93
CA PHE A 195 10.90 11.01 6.28
C PHE A 195 11.86 10.39 7.27
N THR A 196 13.03 10.99 7.32
CA THR A 196 14.11 10.68 8.29
C THR A 196 14.30 11.95 9.11
N PHE A 197 14.56 11.79 10.41
CA PHE A 197 14.56 12.89 11.40
C PHE A 197 15.65 12.62 12.42
N LEU A 198 16.12 13.71 13.01
CA LEU A 198 17.12 13.74 14.09
C LEU A 198 16.55 14.66 15.16
N ILE A 199 16.16 14.07 16.29
CA ILE A 199 15.66 14.79 17.49
C ILE A 199 16.72 14.64 18.56
N LYS A 200 17.29 15.76 18.96
CA LYS A 200 18.46 15.87 19.87
C LYS A 200 18.05 16.88 20.94
N SER A 201 18.19 16.48 22.19
CA SER A 201 17.93 17.34 23.35
C SER A 201 19.19 17.39 24.21
N PRO A 202 19.61 18.57 24.71
CA PRO A 202 20.56 18.64 25.82
C PRO A 202 19.88 18.17 27.11
N ASP A 203 18.57 18.39 27.24
CA ASP A 203 17.70 17.96 28.37
C ASP A 203 17.71 16.42 28.50
N SER A 204 17.37 15.93 29.70
CA SER A 204 16.95 14.54 30.00
C SER A 204 15.50 14.34 29.54
N HIS A 205 14.73 15.42 29.37
CA HIS A 205 13.31 15.43 28.91
C HIS A 205 13.23 16.34 27.68
N PRO A 206 13.19 15.76 26.46
CA PRO A 206 12.89 16.54 25.24
C PRO A 206 11.38 16.77 25.00
N ALA A 207 11.06 17.81 24.21
CA ALA A 207 9.67 18.13 23.75
C ALA A 207 9.74 18.96 22.46
N ASP A 208 8.66 18.99 21.68
CA ASP A 208 7.38 18.35 21.96
C ASP A 208 7.06 17.22 20.95
N GLY A 209 7.64 17.28 19.75
CA GLY A 209 7.65 16.20 18.75
C GLY A 209 7.53 16.68 17.30
N ILE A 210 7.23 15.73 16.42
CA ILE A 210 7.12 15.92 14.95
C ILE A 210 5.89 15.17 14.52
N ALA A 211 5.20 15.71 13.51
CA ALA A 211 4.02 15.13 12.84
C ALA A 211 4.15 15.30 11.32
N PHE A 212 3.75 14.25 10.58
CA PHE A 212 3.32 14.32 9.18
C PHE A 212 1.81 14.58 9.20
N PHE A 213 1.30 15.51 8.38
CA PHE A 213 -0.13 15.89 8.41
C PHE A 213 -0.65 16.20 7.00
N ILE A 214 -1.95 16.01 6.88
CA ILE A 214 -2.75 16.28 5.66
C ILE A 214 -3.79 17.28 6.13
N SER A 215 -4.00 18.35 5.36
CA SER A 215 -4.86 19.48 5.76
C SER A 215 -5.56 20.05 4.54
N ASN A 216 -6.51 20.96 4.80
CA ASN A 216 -7.06 21.90 3.80
C ASN A 216 -5.87 22.64 3.19
N ILE A 217 -5.94 22.99 1.89
CA ILE A 217 -4.84 23.57 1.09
C ILE A 217 -4.33 24.85 1.77
N ASP A 218 -5.19 25.58 2.45
CA ASP A 218 -4.91 26.94 2.99
C ASP A 218 -4.45 26.83 4.45
N SER A 219 -4.25 25.62 4.98
CA SER A 219 -3.84 25.39 6.38
C SER A 219 -2.70 26.32 6.77
N SER A 220 -2.75 26.85 7.99
CA SER A 220 -1.71 27.69 8.61
C SER A 220 -1.65 27.35 10.09
N ILE A 221 -0.51 27.67 10.71
CA ILE A 221 -0.19 27.33 12.11
C ILE A 221 -1.28 27.98 12.95
N PRO A 222 -2.16 27.21 13.61
CA PRO A 222 -3.15 27.84 14.48
C PRO A 222 -2.39 28.61 15.58
N SER A 223 -3.00 29.69 16.06
CA SER A 223 -2.46 30.57 17.13
C SER A 223 -2.31 29.81 18.45
N GLY A 224 -1.18 29.98 19.15
CA GLY A 224 -0.84 29.34 20.43
C GLY A 224 -0.56 27.83 20.32
N SER A 225 -0.17 27.31 19.15
CA SER A 225 0.01 25.83 18.91
C SER A 225 1.48 25.41 19.12
N THR A 226 2.27 26.19 19.86
CA THR A 226 3.56 25.71 20.37
C THR A 226 3.28 24.63 21.40
N GLY A 227 4.34 24.01 21.93
CA GLY A 227 4.23 22.97 22.96
C GLY A 227 3.39 21.81 22.49
N ARG A 228 2.48 21.36 23.34
CA ARG A 228 1.81 20.03 23.24
C ARG A 228 0.89 19.94 22.02
N LEU A 229 0.56 21.04 21.38
CA LEU A 229 -0.38 21.09 20.24
C LEU A 229 0.36 20.94 18.89
N LEU A 230 1.71 20.89 18.90
CA LEU A 230 2.55 20.40 17.78
C LEU A 230 2.35 21.22 16.50
N GLY A 231 1.86 22.45 16.57
CA GLY A 231 1.60 23.26 15.37
C GLY A 231 0.38 22.81 14.58
N LEU A 232 -0.45 21.92 15.11
CA LEU A 232 -1.52 21.26 14.32
C LEU A 232 -2.91 21.72 14.77
N PHE A 233 -3.10 21.95 16.08
CA PHE A 233 -4.42 22.23 16.67
C PHE A 233 -4.48 23.58 17.37
N PRO A 234 -5.64 24.27 17.35
CA PRO A 234 -5.79 25.49 18.13
C PRO A 234 -5.95 25.23 19.65
N ASP A 235 -6.35 24.01 20.03
CA ASP A 235 -6.66 23.66 21.44
C ASP A 235 -6.54 22.13 21.62
N ALA A 236 -6.67 21.65 22.86
CA ALA A 236 -6.45 20.23 23.23
C ALA A 236 -7.75 19.42 23.22
N ASN A 237 -8.87 19.93 22.68
CA ASN A 237 -10.15 19.17 22.60
C ASN A 237 -10.00 17.94 21.71
N ALA B 1 4.42 -31.08 -2.90
CA ALA B 1 3.25 -30.16 -2.80
C ALA B 1 3.74 -28.71 -2.85
N ASP B 2 3.25 -27.96 -3.83
CA ASP B 2 3.51 -26.50 -3.96
C ASP B 2 2.84 -25.77 -2.78
N THR B 3 3.41 -24.63 -2.40
CA THR B 3 2.80 -23.63 -1.49
C THR B 3 2.24 -22.48 -2.33
N ILE B 4 0.95 -22.21 -2.19
CA ILE B 4 0.11 -21.35 -3.06
C ILE B 4 -0.62 -20.38 -2.16
N VAL B 5 -0.48 -19.08 -2.44
CA VAL B 5 -1.38 -18.00 -1.95
C VAL B 5 -1.97 -17.45 -3.22
N ALA B 6 -3.28 -17.26 -3.31
CA ALA B 6 -3.93 -16.87 -4.58
C ALA B 6 -5.15 -15.97 -4.37
N VAL B 7 -5.37 -15.07 -5.32
CA VAL B 7 -6.67 -14.35 -5.47
C VAL B 7 -7.43 -14.96 -6.64
N GLU B 8 -8.60 -15.54 -6.41
CA GLU B 8 -9.37 -16.22 -7.48
C GLU B 8 -10.51 -15.31 -7.96
N LEU B 9 -10.54 -15.06 -9.26
CA LEU B 9 -11.74 -14.63 -10.01
C LEU B 9 -12.40 -15.95 -10.46
N ASP B 10 -13.43 -16.39 -9.75
CA ASP B 10 -14.03 -17.74 -9.88
C ASP B 10 -15.42 -17.60 -10.52
N THR B 11 -15.51 -17.91 -11.81
CA THR B 11 -16.70 -17.67 -12.66
C THR B 11 -17.76 -18.77 -12.50
N TYR B 12 -17.42 -19.95 -11.95
CA TYR B 12 -18.30 -21.16 -11.88
C TYR B 12 -18.43 -21.72 -10.46
N PRO B 13 -19.63 -21.69 -9.86
CA PRO B 13 -19.83 -22.20 -8.50
C PRO B 13 -19.73 -23.72 -8.43
N ASN B 14 -18.66 -24.22 -7.84
CA ASN B 14 -18.56 -25.65 -7.42
C ASN B 14 -19.04 -25.76 -5.97
N THR B 15 -20.36 -25.88 -5.70
CA THR B 15 -20.95 -25.76 -4.34
C THR B 15 -20.52 -26.96 -3.46
N ASP B 16 -20.14 -28.08 -4.05
CA ASP B 16 -19.69 -29.31 -3.34
C ASP B 16 -18.35 -29.10 -2.61
N ILE B 17 -17.55 -28.11 -3.02
CA ILE B 17 -16.20 -27.81 -2.42
C ILE B 17 -16.17 -26.39 -1.85
N GLY B 18 -17.32 -25.84 -1.44
CA GLY B 18 -17.37 -24.62 -0.61
C GLY B 18 -17.67 -23.37 -1.42
N ASP B 19 -17.67 -23.43 -2.74
CA ASP B 19 -17.93 -22.19 -3.53
C ASP B 19 -19.30 -21.66 -3.11
N PRO B 20 -19.50 -20.33 -3.02
CA PRO B 20 -20.85 -19.79 -2.93
C PRO B 20 -21.60 -20.03 -4.24
N SER B 21 -22.89 -19.68 -4.28
CA SER B 21 -23.87 -20.01 -5.36
C SER B 21 -23.70 -19.13 -6.59
N TYR B 22 -22.75 -18.21 -6.58
CA TYR B 22 -22.63 -17.18 -7.65
C TYR B 22 -21.16 -16.99 -8.04
N PRO B 23 -20.86 -16.42 -9.23
CA PRO B 23 -19.51 -15.94 -9.50
C PRO B 23 -19.04 -15.09 -8.32
N HIS B 24 -17.81 -15.33 -7.88
CA HIS B 24 -17.20 -14.66 -6.70
C HIS B 24 -15.70 -14.43 -6.93
N ILE B 25 -15.10 -13.57 -6.09
CA ILE B 25 -13.63 -13.42 -5.88
C ILE B 25 -13.29 -13.98 -4.50
N GLY B 26 -12.04 -14.38 -4.31
CA GLY B 26 -11.67 -15.19 -3.15
C GLY B 26 -10.20 -15.14 -2.86
N ILE B 27 -9.86 -15.16 -1.57
CA ILE B 27 -8.47 -15.26 -1.08
C ILE B 27 -8.23 -16.70 -0.64
N ASP B 28 -7.29 -17.36 -1.32
CA ASP B 28 -6.97 -18.79 -1.21
C ASP B 28 -5.60 -18.92 -0.53
N ILE B 29 -5.55 -19.43 0.69
CA ILE B 29 -4.30 -19.68 1.43
C ILE B 29 -4.13 -21.20 1.54
N LYS B 30 -3.40 -21.77 0.57
CA LYS B 30 -2.93 -23.17 0.58
C LYS B 30 -4.11 -24.12 0.34
N SER B 31 -5.25 -23.60 -0.10
CA SER B 31 -6.47 -24.40 -0.37
C SER B 31 -7.34 -23.73 -1.43
N VAL B 32 -7.97 -24.53 -2.30
CA VAL B 32 -9.02 -24.01 -3.24
C VAL B 32 -10.21 -23.47 -2.41
N ARG B 33 -10.36 -23.89 -1.15
CA ARG B 33 -11.50 -23.49 -0.28
C ARG B 33 -11.19 -22.10 0.29
N SER B 34 -11.60 -21.07 -0.46
CA SER B 34 -11.33 -19.65 -0.12
C SER B 34 -11.58 -19.40 1.36
N LYS B 35 -10.60 -18.81 2.05
CA LYS B 35 -10.73 -18.28 3.42
C LYS B 35 -11.75 -17.14 3.42
N LYS B 36 -11.94 -16.45 2.30
CA LYS B 36 -12.85 -15.28 2.22
C LYS B 36 -13.29 -15.09 0.77
N THR B 37 -14.57 -14.78 0.52
CA THR B 37 -15.14 -14.58 -0.84
C THR B 37 -16.03 -13.33 -0.85
N ALA B 38 -16.36 -12.83 -2.04
CA ALA B 38 -17.36 -11.77 -2.21
C ALA B 38 -18.04 -11.96 -3.56
N LYS B 39 -19.34 -11.72 -3.61
CA LYS B 39 -20.13 -11.76 -4.86
C LYS B 39 -19.38 -10.91 -5.89
N TRP B 40 -19.44 -11.33 -7.13
CA TRP B 40 -18.75 -10.66 -8.26
C TRP B 40 -19.63 -10.80 -9.49
N ASN B 41 -20.08 -9.69 -10.06
CA ASN B 41 -20.93 -9.64 -11.28
C ASN B 41 -19.96 -9.52 -12.46
N MET B 42 -19.31 -10.65 -12.73
CA MET B 42 -18.55 -10.94 -13.96
C MET B 42 -19.41 -10.49 -15.15
N GLN B 43 -18.80 -9.76 -16.10
CA GLN B 43 -19.42 -9.21 -17.32
C GLN B 43 -18.84 -9.93 -18.56
N ASN B 44 -19.66 -10.79 -19.16
CA ASN B 44 -19.26 -11.64 -20.29
C ASN B 44 -18.72 -10.76 -21.42
N GLY B 45 -17.45 -10.96 -21.79
CA GLY B 45 -16.83 -10.33 -22.97
C GLY B 45 -16.41 -8.89 -22.73
N LYS B 46 -16.46 -8.39 -21.50
CA LYS B 46 -16.00 -7.01 -21.16
C LYS B 46 -14.62 -7.10 -20.51
N VAL B 47 -13.78 -6.12 -20.78
CA VAL B 47 -12.44 -5.95 -20.13
C VAL B 47 -12.59 -5.50 -18.67
N GLY B 48 -12.17 -6.33 -17.72
CA GLY B 48 -12.18 -6.02 -16.28
C GLY B 48 -10.79 -5.71 -15.79
N THR B 49 -10.65 -5.19 -14.57
CA THR B 49 -9.33 -4.89 -13.96
C THR B 49 -9.31 -5.50 -12.56
N ALA B 50 -8.21 -6.17 -12.22
CA ALA B 50 -7.91 -6.72 -10.89
C ALA B 50 -6.78 -5.91 -10.22
N HIS B 51 -6.98 -5.47 -8.98
CA HIS B 51 -5.94 -4.83 -8.12
C HIS B 51 -5.70 -5.69 -6.87
N ILE B 52 -4.48 -6.17 -6.65
CA ILE B 52 -4.13 -6.92 -5.41
C ILE B 52 -3.11 -6.07 -4.65
N ILE B 53 -3.22 -5.93 -3.33
CA ILE B 53 -2.22 -5.19 -2.49
C ILE B 53 -1.97 -5.97 -1.20
N TYR B 54 -0.74 -5.96 -0.73
CA TYR B 54 -0.38 -6.51 0.60
C TYR B 54 0.65 -5.58 1.20
N ASN B 55 0.54 -5.26 2.49
CA ASN B 55 1.71 -4.70 3.19
C ASN B 55 1.88 -5.47 4.50
N SER B 56 3.14 -5.61 4.90
CA SER B 56 3.58 -6.37 6.10
C SER B 56 3.17 -5.61 7.35
N VAL B 57 2.75 -4.35 7.23
CA VAL B 57 2.39 -3.52 8.42
C VAL B 57 0.98 -3.92 8.87
N ASP B 58 -0.02 -3.95 7.98
CA ASP B 58 -1.40 -4.40 8.31
C ASP B 58 -1.56 -5.92 8.17
N LYS B 59 -0.60 -6.58 7.53
CA LYS B 59 -0.61 -8.05 7.28
C LYS B 59 -1.98 -8.40 6.68
N ARG B 60 -2.39 -7.65 5.64
CA ARG B 60 -3.77 -7.65 5.08
C ARG B 60 -3.72 -7.75 3.55
N LEU B 61 -4.10 -8.91 3.00
CA LEU B 61 -4.19 -9.17 1.53
C LEU B 61 -5.59 -8.77 1.03
N SER B 62 -5.65 -7.86 0.05
CA SER B 62 -6.92 -7.28 -0.42
C SER B 62 -6.93 -7.36 -1.93
N ALA B 63 -8.11 -7.46 -2.50
CA ALA B 63 -8.29 -7.47 -3.96
C ALA B 63 -9.52 -6.65 -4.29
N VAL B 64 -9.47 -5.94 -5.41
CA VAL B 64 -10.58 -5.15 -5.98
C VAL B 64 -10.66 -5.49 -7.47
N VAL B 65 -11.77 -6.06 -7.89
CA VAL B 65 -12.08 -6.38 -9.30
C VAL B 65 -13.21 -5.43 -9.69
N SER B 66 -13.08 -4.86 -10.87
CA SER B 66 -13.95 -3.78 -11.34
C SER B 66 -14.06 -3.86 -12.86
N TYR B 67 -15.13 -3.25 -13.36
CA TYR B 67 -15.43 -3.04 -14.79
C TYR B 67 -15.77 -1.55 -14.95
N PRO B 68 -15.51 -0.90 -16.11
CA PRO B 68 -15.94 0.48 -16.31
C PRO B 68 -17.44 0.68 -15.95
N ASN B 69 -17.77 1.65 -15.11
CA ASN B 69 -19.15 2.16 -14.86
C ASN B 69 -19.96 1.12 -14.09
N ALA B 70 -19.30 0.34 -13.21
CA ALA B 70 -19.96 -0.68 -12.38
C ALA B 70 -19.44 -0.59 -10.95
N ASP B 71 -20.22 -1.09 -9.99
CA ASP B 71 -19.74 -1.32 -8.60
C ASP B 71 -18.53 -2.25 -8.66
N SER B 72 -17.68 -2.16 -7.65
CA SER B 72 -16.49 -3.02 -7.46
C SER B 72 -16.88 -4.21 -6.57
N ALA B 73 -16.23 -5.36 -6.76
CA ALA B 73 -16.16 -6.44 -5.74
C ALA B 73 -14.79 -6.30 -5.07
N THR B 74 -14.76 -6.36 -3.73
CA THR B 74 -13.49 -6.33 -2.97
C THR B 74 -13.52 -7.43 -1.91
N VAL B 75 -12.37 -7.96 -1.59
CA VAL B 75 -12.23 -9.08 -0.63
C VAL B 75 -10.87 -8.89 0.05
N SER B 76 -10.82 -9.24 1.33
CA SER B 76 -9.73 -8.92 2.27
C SER B 76 -9.62 -10.04 3.31
N TYR B 77 -8.39 -10.41 3.66
CA TYR B 77 -8.06 -11.42 4.67
C TYR B 77 -6.82 -10.97 5.42
N ASP B 78 -6.87 -10.99 6.76
CA ASP B 78 -5.74 -10.78 7.69
C ASP B 78 -4.89 -12.05 7.72
N VAL B 79 -3.71 -11.98 7.13
CA VAL B 79 -2.76 -13.11 7.03
C VAL B 79 -1.36 -12.52 7.02
N ASP B 80 -0.44 -13.20 7.68
CA ASP B 80 0.99 -12.86 7.76
C ASP B 80 1.71 -13.79 6.80
N LEU B 81 2.06 -13.30 5.61
CA LEU B 81 2.51 -14.15 4.48
C LEU B 81 3.93 -14.67 4.73
N ASP B 82 4.63 -14.25 5.80
CA ASP B 82 5.92 -14.91 6.17
C ASP B 82 5.66 -16.16 7.04
N ASN B 83 4.45 -16.34 7.58
CA ASN B 83 4.04 -17.61 8.22
C ASN B 83 3.54 -18.61 7.16
N VAL B 84 3.28 -18.17 5.93
CA VAL B 84 2.70 -19.00 4.83
C VAL B 84 3.73 -19.24 3.71
N LEU B 85 4.31 -18.19 3.13
CA LEU B 85 5.22 -18.29 1.94
C LEU B 85 6.69 -18.47 2.36
N PRO B 86 7.52 -19.22 1.60
CA PRO B 86 8.98 -19.12 1.75
C PRO B 86 9.49 -17.71 1.38
N GLU B 87 10.68 -17.33 1.83
CA GLU B 87 11.23 -15.95 1.60
C GLU B 87 11.22 -15.63 0.10
N TRP B 88 11.57 -16.61 -0.74
CA TRP B 88 11.69 -16.44 -2.22
C TRP B 88 10.55 -17.17 -2.93
N VAL B 89 9.93 -16.49 -3.90
CA VAL B 89 8.69 -16.96 -4.61
C VAL B 89 8.79 -16.61 -6.10
N ARG B 90 7.93 -17.23 -6.92
CA ARG B 90 7.51 -16.67 -8.22
C ARG B 90 6.08 -16.15 -8.10
N VAL B 91 5.71 -15.20 -8.96
CA VAL B 91 4.33 -14.68 -9.09
C VAL B 91 3.82 -15.07 -10.47
N GLY B 92 2.50 -15.24 -10.59
CA GLY B 92 1.93 -15.81 -11.82
C GLY B 92 0.45 -15.56 -11.95
N LEU B 93 -0.05 -15.91 -13.13
CA LEU B 93 -1.49 -15.99 -13.47
C LEU B 93 -1.80 -17.42 -13.93
N SER B 94 -2.90 -17.96 -13.44
CA SER B 94 -3.39 -19.30 -13.77
C SER B 94 -4.82 -19.15 -14.28
N ALA B 95 -5.28 -20.05 -15.14
CA ALA B 95 -6.73 -20.19 -15.46
C ALA B 95 -7.04 -21.64 -15.87
N SER B 96 -8.32 -21.95 -15.99
CA SER B 96 -8.77 -23.31 -16.32
C SER B 96 -10.17 -23.27 -16.91
N THR B 97 -10.49 -24.30 -17.69
CA THR B 97 -11.85 -24.65 -18.20
C THR B 97 -12.10 -26.11 -17.78
N GLY B 98 -13.37 -26.52 -17.70
CA GLY B 98 -13.76 -27.91 -17.35
C GLY B 98 -14.76 -28.47 -18.35
N LEU B 99 -15.92 -28.94 -17.89
CA LEU B 99 -17.06 -29.23 -18.80
C LEU B 99 -17.49 -27.92 -19.49
N TYR B 100 -17.39 -26.81 -18.74
CA TYR B 100 -17.70 -25.44 -19.22
C TYR B 100 -16.39 -24.67 -19.45
N LYS B 101 -16.46 -23.55 -20.15
CA LYS B 101 -15.31 -22.89 -20.82
C LYS B 101 -15.55 -21.38 -21.00
N GLU B 102 -14.48 -20.66 -21.31
CA GLU B 102 -14.42 -19.19 -21.43
C GLU B 102 -13.01 -18.86 -21.93
N THR B 103 -12.84 -17.78 -22.67
CA THR B 103 -11.49 -17.19 -22.89
C THR B 103 -10.99 -16.75 -21.52
N ASN B 104 -9.70 -16.99 -21.23
CA ASN B 104 -8.98 -16.46 -20.03
C ASN B 104 -7.88 -15.52 -20.54
N THR B 105 -8.29 -14.42 -21.17
CA THR B 105 -7.41 -13.47 -21.88
C THR B 105 -6.88 -12.40 -20.91
N ILE B 106 -5.57 -12.20 -20.89
CA ILE B 106 -4.89 -11.17 -20.07
C ILE B 106 -4.30 -10.16 -21.05
N LEU B 107 -4.72 -8.91 -20.95
CA LEU B 107 -4.31 -7.83 -21.88
C LEU B 107 -3.12 -7.06 -21.32
N SER B 108 -2.92 -7.11 -20.00
CA SER B 108 -1.85 -6.36 -19.30
C SER B 108 -1.69 -6.92 -17.88
N TRP B 109 -0.48 -6.82 -17.37
CA TRP B 109 -0.12 -7.30 -16.02
C TRP B 109 1.06 -6.46 -15.58
N SER B 110 1.01 -5.98 -14.35
CA SER B 110 2.10 -5.26 -13.67
C SER B 110 2.19 -5.76 -12.22
N PHE B 111 3.35 -5.57 -11.61
CA PHE B 111 3.70 -6.11 -10.27
C PHE B 111 4.84 -5.28 -9.69
N THR B 112 4.76 -5.01 -8.40
CA THR B 112 5.75 -4.19 -7.66
C THR B 112 5.97 -4.88 -6.32
N SER B 113 7.22 -5.10 -5.91
CA SER B 113 7.61 -5.64 -4.59
C SER B 113 8.71 -4.75 -3.99
N LYS B 114 8.60 -4.35 -2.71
CA LYS B 114 9.62 -3.57 -1.98
C LYS B 114 9.88 -4.22 -0.63
N LEU B 115 11.14 -4.29 -0.21
CA LEU B 115 11.60 -4.50 1.19
C LEU B 115 12.39 -3.26 1.63
N LYS B 116 11.80 -2.43 2.48
CA LYS B 116 12.43 -1.26 3.13
C LYS B 116 12.89 -1.72 4.50
N SER B 117 13.96 -1.15 5.02
CA SER B 117 14.48 -1.62 6.32
C SER B 117 15.15 -0.45 7.02
N ASN B 118 16.04 -0.76 7.95
CA ASN B 118 16.76 0.33 8.64
C ASN B 118 18.28 0.09 8.65
N SER B 119 18.85 -0.47 7.59
CA SER B 119 20.33 -0.62 7.61
C SER B 119 20.93 0.80 7.66
N THR B 120 20.40 1.70 6.82
CA THR B 120 20.72 3.16 6.77
C THR B 120 19.51 3.87 6.13
N HIS B 121 19.64 4.27 4.85
CA HIS B 121 18.53 4.92 4.11
C HIS B 121 18.16 4.16 2.83
N GLU B 122 18.61 2.91 2.68
CA GLU B 122 18.37 2.15 1.42
C GLU B 122 17.44 0.94 1.61
N THR B 123 16.69 0.63 0.55
CA THR B 123 15.58 -0.36 0.38
C THR B 123 15.84 -1.27 -0.84
N ASN B 124 15.17 -2.44 -0.97
CA ASN B 124 15.25 -3.37 -2.14
C ASN B 124 13.91 -3.51 -2.88
N ALA B 125 13.91 -3.55 -4.23
CA ALA B 125 12.70 -3.45 -5.07
C ALA B 125 12.80 -4.24 -6.37
N LEU B 126 11.62 -4.71 -6.82
CA LEU B 126 11.39 -5.20 -8.19
C LEU B 126 10.06 -4.66 -8.72
N HIS B 127 9.99 -4.39 -10.02
CA HIS B 127 8.78 -3.90 -10.71
C HIS B 127 8.81 -4.36 -12.15
N PHE B 128 7.78 -5.06 -12.63
CA PHE B 128 7.59 -5.27 -14.09
C PHE B 128 6.19 -4.82 -14.48
N MET B 129 6.05 -4.49 -15.77
CA MET B 129 4.79 -4.06 -16.39
C MET B 129 4.78 -4.64 -17.79
N PHE B 130 3.78 -5.47 -18.10
CA PHE B 130 3.50 -5.92 -19.49
C PHE B 130 2.17 -5.27 -19.88
N ASN B 131 2.19 -4.42 -20.90
CA ASN B 131 1.00 -3.80 -21.53
C ASN B 131 0.78 -4.46 -22.89
N GLN B 132 1.74 -5.21 -23.40
CA GLN B 132 1.54 -6.16 -24.51
C GLN B 132 2.54 -7.32 -24.34
N PHE B 133 2.12 -8.53 -24.69
CA PHE B 133 3.00 -9.72 -24.74
C PHE B 133 3.33 -10.04 -26.20
N SER B 134 4.52 -10.58 -26.45
CA SER B 134 4.99 -10.97 -27.80
C SER B 134 5.10 -12.50 -27.88
N LYS B 135 5.33 -13.02 -29.10
CA LYS B 135 5.36 -14.47 -29.45
C LYS B 135 6.46 -15.18 -28.66
N ASP B 136 7.60 -14.54 -28.43
CA ASP B 136 8.65 -15.12 -27.56
C ASP B 136 8.96 -14.12 -26.44
N GLN B 137 8.25 -14.29 -25.33
CA GLN B 137 8.29 -13.41 -24.15
C GLN B 137 9.22 -14.06 -23.13
N LYS B 138 10.53 -13.78 -23.16
CA LYS B 138 11.58 -14.59 -22.48
C LYS B 138 11.61 -14.32 -20.98
N ASP B 139 10.86 -13.34 -20.48
CA ASP B 139 10.79 -13.08 -19.02
C ASP B 139 9.52 -13.73 -18.47
N LEU B 140 8.80 -14.51 -19.27
CA LEU B 140 7.69 -15.37 -18.79
C LEU B 140 8.01 -16.84 -19.00
N ILE B 141 7.70 -17.67 -18.00
CA ILE B 141 7.62 -19.15 -18.06
C ILE B 141 6.15 -19.49 -18.30
N LEU B 142 5.81 -19.96 -19.50
CA LEU B 142 4.45 -20.45 -19.85
C LEU B 142 4.39 -21.95 -19.52
N GLN B 143 3.26 -22.38 -18.95
CA GLN B 143 2.99 -23.78 -18.50
C GLN B 143 1.61 -24.20 -19.00
N GLY B 144 1.45 -25.49 -19.28
CA GLY B 144 0.21 -26.03 -19.81
C GLY B 144 -0.10 -25.34 -21.12
N ASP B 145 -1.33 -24.86 -21.30
CA ASP B 145 -1.83 -24.47 -22.64
C ASP B 145 -1.56 -22.99 -22.89
N ALA B 146 -0.96 -22.27 -21.92
CA ALA B 146 -0.80 -20.79 -22.00
C ALA B 146 0.07 -20.44 -23.21
N THR B 147 -0.30 -19.39 -23.91
CA THR B 147 0.46 -18.91 -25.09
C THR B 147 0.42 -17.39 -25.12
N THR B 148 1.36 -16.78 -25.84
CA THR B 148 1.42 -15.30 -25.96
C THR B 148 1.57 -14.92 -27.44
N GLY B 149 1.40 -13.64 -27.73
CA GLY B 149 1.61 -13.07 -29.07
C GLY B 149 0.37 -12.95 -29.92
N THR B 150 -0.76 -13.50 -29.48
CA THR B 150 -1.96 -13.36 -30.34
C THR B 150 -2.67 -12.08 -29.93
N ASP B 151 -2.55 -11.06 -30.78
CA ASP B 151 -3.06 -9.67 -30.59
C ASP B 151 -2.36 -9.04 -29.39
N GLY B 152 -1.09 -9.38 -29.15
CA GLY B 152 -0.34 -8.88 -27.98
C GLY B 152 -1.04 -9.22 -26.69
N ASN B 153 -1.57 -10.44 -26.58
CA ASN B 153 -2.32 -10.82 -25.37
C ASN B 153 -1.82 -12.16 -24.85
N LEU B 154 -1.88 -12.35 -23.54
CA LEU B 154 -1.58 -13.67 -22.91
C LEU B 154 -2.88 -14.49 -22.90
N GLU B 155 -2.93 -15.67 -23.57
CA GLU B 155 -4.11 -16.60 -23.55
C GLU B 155 -3.79 -17.74 -22.59
N LEU B 156 -4.33 -17.67 -21.37
CA LEU B 156 -3.98 -18.62 -20.31
C LEU B 156 -4.47 -20.02 -20.71
N THR B 157 -5.64 -20.09 -21.34
CA THR B 157 -6.27 -21.37 -21.75
C THR B 157 -6.56 -21.40 -23.25
N ARG B 158 -6.69 -22.61 -23.76
CA ARG B 158 -6.71 -22.96 -25.21
C ARG B 158 -7.92 -22.24 -25.84
N VAL B 159 -7.66 -21.54 -26.94
CA VAL B 159 -8.67 -20.87 -27.81
C VAL B 159 -8.38 -21.29 -29.25
N SER B 160 -9.39 -21.75 -30.00
CA SER B 160 -9.20 -22.21 -31.41
C SER B 160 -8.94 -20.97 -32.29
N SER B 161 -8.53 -21.20 -33.55
CA SER B 161 -8.25 -20.16 -34.58
C SER B 161 -9.45 -19.23 -34.79
N ASN B 162 -10.68 -19.75 -34.67
CA ASN B 162 -11.93 -19.01 -35.03
C ASN B 162 -12.57 -18.40 -33.77
N GLY B 163 -11.84 -18.30 -32.66
CA GLY B 163 -12.18 -17.46 -31.50
C GLY B 163 -12.75 -18.21 -30.29
N SER B 164 -13.07 -19.51 -30.38
CA SER B 164 -13.86 -20.23 -29.34
C SER B 164 -12.99 -21.05 -28.37
N PRO B 165 -13.25 -20.89 -27.05
CA PRO B 165 -12.47 -21.54 -26.00
C PRO B 165 -12.76 -23.06 -25.88
N GLN B 166 -11.77 -23.79 -25.39
CA GLN B 166 -11.77 -25.27 -25.27
C GLN B 166 -11.97 -25.66 -23.80
N GLY B 167 -12.56 -26.84 -23.59
CA GLY B 167 -12.87 -27.40 -22.27
C GLY B 167 -11.68 -28.20 -21.80
N SER B 168 -11.55 -28.45 -20.51
CA SER B 168 -10.46 -29.30 -20.00
C SER B 168 -9.10 -28.70 -20.39
N SER B 169 -9.00 -27.36 -20.46
CA SER B 169 -7.74 -26.60 -20.63
C SER B 169 -7.23 -26.01 -19.31
N VAL B 170 -5.93 -25.96 -19.15
CA VAL B 170 -5.26 -25.33 -17.96
C VAL B 170 -3.91 -24.76 -18.41
N GLY B 171 -3.65 -23.49 -18.07
CA GLY B 171 -2.41 -22.78 -18.41
C GLY B 171 -2.01 -21.76 -17.35
N ARG B 172 -0.71 -21.49 -17.23
CA ARG B 172 -0.14 -20.47 -16.32
C ARG B 172 1.01 -19.70 -16.98
N ALA B 173 1.26 -18.49 -16.47
CA ALA B 173 2.38 -17.62 -16.85
C ALA B 173 3.03 -17.13 -15.55
N LEU B 174 4.32 -17.40 -15.37
CA LEU B 174 5.11 -16.94 -14.20
C LEU B 174 6.14 -15.90 -14.63
N PHE B 175 6.36 -14.88 -13.78
CA PHE B 175 7.48 -13.94 -14.01
C PHE B 175 8.75 -14.78 -13.82
N TYR B 176 9.70 -14.57 -14.71
CA TYR B 176 10.90 -15.42 -14.81
C TYR B 176 11.68 -15.34 -13.49
N ALA B 177 11.76 -14.16 -12.89
CA ALA B 177 12.71 -13.83 -11.81
C ALA B 177 12.03 -14.14 -10.50
N PRO B 178 12.70 -14.89 -9.61
CA PRO B 178 12.27 -15.03 -8.22
C PRO B 178 12.18 -13.66 -7.53
N VAL B 179 11.28 -13.54 -6.57
CA VAL B 179 10.99 -12.29 -5.82
C VAL B 179 11.27 -12.52 -4.34
N HIS B 180 12.01 -11.61 -3.73
CA HIS B 180 12.28 -11.62 -2.27
C HIS B 180 11.00 -11.06 -1.68
N ILE B 181 10.12 -11.89 -1.11
CA ILE B 181 8.74 -11.41 -0.80
C ILE B 181 8.67 -10.97 0.65
N TRP B 182 9.48 -11.60 1.51
CA TRP B 182 9.66 -11.16 2.91
C TRP B 182 11.13 -11.37 3.31
N GLU B 183 11.58 -10.51 4.23
CA GLU B 183 12.85 -10.61 4.96
C GLU B 183 12.50 -10.30 6.41
N SER B 184 13.08 -11.02 7.39
CA SER B 184 12.79 -10.76 8.82
C SER B 184 13.36 -9.38 9.21
N SER B 185 14.44 -8.95 8.56
CA SER B 185 15.26 -7.75 8.89
C SER B 185 14.66 -6.45 8.34
N ALA B 186 13.44 -6.48 7.78
CA ALA B 186 12.82 -5.33 7.09
C ALA B 186 11.69 -4.77 7.96
N VAL B 187 11.46 -3.47 7.91
CA VAL B 187 10.40 -2.78 8.71
C VAL B 187 9.09 -2.78 7.91
N VAL B 188 9.14 -2.69 6.58
CA VAL B 188 7.92 -2.74 5.71
C VAL B 188 8.26 -3.56 4.45
N ALA B 189 7.59 -4.70 4.28
CA ALA B 189 7.50 -5.49 3.03
C ALA B 189 6.12 -5.22 2.42
N SER B 190 6.05 -5.00 1.11
CA SER B 190 4.78 -4.71 0.42
C SER B 190 4.87 -5.22 -1.01
N PHE B 191 3.75 -5.55 -1.62
CA PHE B 191 3.65 -5.81 -3.07
C PHE B 191 2.28 -5.37 -3.57
N GLU B 192 2.16 -5.29 -4.90
CA GLU B 192 0.96 -4.79 -5.61
C GLU B 192 1.00 -5.43 -6.99
N ALA B 193 -0.13 -5.97 -7.43
CA ALA B 193 -0.30 -6.54 -8.77
C ALA B 193 -1.59 -5.99 -9.35
N THR B 194 -1.61 -5.85 -10.67
CA THR B 194 -2.73 -5.28 -11.45
C THR B 194 -2.77 -6.10 -12.74
N PHE B 195 -3.93 -6.50 -13.19
CA PHE B 195 -4.05 -7.12 -14.52
C PHE B 195 -5.42 -6.79 -15.06
N THR B 196 -5.48 -6.73 -16.38
CA THR B 196 -6.75 -6.51 -17.10
C THR B 196 -7.01 -7.81 -17.86
N PHE B 197 -8.27 -8.24 -17.88
CA PHE B 197 -8.67 -9.55 -18.43
C PHE B 197 -9.97 -9.37 -19.21
N LEU B 198 -10.17 -10.30 -20.14
CA LEU B 198 -11.38 -10.42 -20.98
C LEU B 198 -11.80 -11.89 -20.90
N ILE B 199 -12.89 -12.14 -20.18
CA ILE B 199 -13.55 -13.47 -20.02
C ILE B 199 -14.80 -13.51 -20.92
N LYS B 200 -14.73 -14.28 -22.01
CA LYS B 200 -15.82 -14.42 -23.00
C LYS B 200 -16.29 -15.87 -23.05
N SER B 201 -17.59 -16.10 -22.85
CA SER B 201 -18.17 -17.45 -22.87
C SER B 201 -19.24 -17.54 -23.94
N PRO B 202 -19.26 -18.60 -24.77
CA PRO B 202 -20.20 -18.72 -25.88
C PRO B 202 -21.65 -18.78 -25.39
N ASP B 203 -21.88 -19.43 -24.25
CA ASP B 203 -23.24 -19.51 -23.68
C ASP B 203 -23.25 -18.88 -22.29
N SER B 204 -24.39 -18.93 -21.61
CA SER B 204 -24.60 -18.31 -20.27
C SER B 204 -23.82 -19.00 -19.14
N HIS B 205 -23.28 -20.21 -19.36
CA HIS B 205 -22.48 -20.84 -18.29
C HIS B 205 -20.99 -20.79 -18.66
N PRO B 206 -20.19 -19.92 -18.03
CA PRO B 206 -18.75 -19.88 -18.24
C PRO B 206 -18.03 -20.53 -17.05
N ALA B 207 -16.84 -21.07 -17.28
CA ALA B 207 -15.99 -21.73 -16.25
C ALA B 207 -14.54 -21.73 -16.73
N ASP B 208 -13.54 -21.76 -15.83
CA ASP B 208 -13.68 -21.86 -14.37
C ASP B 208 -13.16 -20.58 -13.66
N GLY B 209 -12.27 -19.83 -14.32
CA GLY B 209 -11.80 -18.52 -13.85
C GLY B 209 -10.29 -18.30 -13.99
N ILE B 210 -9.84 -17.22 -13.38
CA ILE B 210 -8.45 -16.71 -13.40
C ILE B 210 -8.04 -16.48 -11.96
N ALA B 211 -6.80 -16.77 -11.66
CA ALA B 211 -6.17 -16.44 -10.36
C ALA B 211 -4.85 -15.74 -10.64
N PHE B 212 -4.55 -14.74 -9.82
CA PHE B 212 -3.19 -14.26 -9.54
C PHE B 212 -2.67 -15.09 -8.37
N PHE B 213 -1.44 -15.64 -8.46
CA PHE B 213 -0.88 -16.48 -7.38
C PHE B 213 0.61 -16.19 -7.16
N ILE B 214 1.02 -16.60 -5.97
CA ILE B 214 2.41 -16.54 -5.42
C ILE B 214 2.68 -17.95 -4.93
N SER B 215 3.77 -18.54 -5.41
CA SER B 215 4.16 -19.96 -5.16
C SER B 215 5.66 -20.07 -4.90
N ASN B 216 6.09 -21.24 -4.46
CA ASN B 216 7.52 -21.66 -4.45
C ASN B 216 8.05 -21.54 -5.89
N ILE B 217 9.36 -21.31 -6.04
CA ILE B 217 10.01 -20.88 -7.30
C ILE B 217 9.78 -21.96 -8.38
N ASP B 218 9.85 -23.24 -8.02
CA ASP B 218 9.75 -24.38 -8.99
C ASP B 218 8.30 -24.86 -9.10
N SER B 219 7.31 -24.10 -8.61
CA SER B 219 5.87 -24.38 -8.78
C SER B 219 5.57 -24.73 -10.23
N SER B 220 4.73 -25.76 -10.41
CA SER B 220 4.24 -26.21 -11.74
C SER B 220 2.81 -26.74 -11.57
N ILE B 221 2.14 -26.95 -12.72
CA ILE B 221 0.69 -27.27 -12.79
C ILE B 221 0.51 -28.63 -12.14
N PRO B 222 -0.20 -28.76 -11.00
CA PRO B 222 -0.41 -30.06 -10.39
C PRO B 222 -1.28 -30.93 -11.30
N SER B 223 -1.13 -32.26 -11.23
CA SER B 223 -1.93 -33.26 -11.99
C SER B 223 -3.42 -33.11 -11.68
N GLY B 224 -4.24 -33.13 -12.73
CA GLY B 224 -5.72 -33.22 -12.65
C GLY B 224 -6.35 -31.96 -12.11
N SER B 225 -5.73 -30.79 -12.37
CA SER B 225 -6.06 -29.46 -11.80
C SER B 225 -6.81 -28.60 -12.81
N THR B 226 -7.40 -29.18 -13.84
CA THR B 226 -8.32 -28.49 -14.77
C THR B 226 -9.60 -28.14 -14.00
N GLY B 227 -10.50 -27.38 -14.62
CA GLY B 227 -11.77 -26.93 -14.04
C GLY B 227 -11.55 -26.27 -12.69
N ARG B 228 -12.17 -26.83 -11.65
CA ARG B 228 -12.46 -26.11 -10.37
C ARG B 228 -11.19 -25.81 -9.56
N LEU B 229 -10.06 -26.45 -9.87
CA LEU B 229 -8.79 -26.34 -9.10
C LEU B 229 -7.87 -25.30 -9.75
N LEU B 230 -8.33 -24.70 -10.85
CA LEU B 230 -7.81 -23.44 -11.42
C LEU B 230 -6.32 -23.51 -11.80
N GLY B 231 -5.70 -24.70 -11.94
CA GLY B 231 -4.25 -24.83 -12.21
C GLY B 231 -3.37 -24.65 -10.97
N LEU B 232 -3.97 -24.52 -9.79
CA LEU B 232 -3.24 -24.11 -8.57
C LEU B 232 -3.03 -25.28 -7.60
N PHE B 233 -4.02 -26.20 -7.46
CA PHE B 233 -4.08 -27.25 -6.40
C PHE B 233 -4.22 -28.68 -6.95
N PRO B 234 -3.61 -29.68 -6.26
CA PRO B 234 -3.72 -31.09 -6.68
C PRO B 234 -5.09 -31.69 -6.33
N ASP B 235 -5.74 -31.17 -5.28
CA ASP B 235 -7.01 -31.68 -4.71
C ASP B 235 -7.80 -30.51 -4.14
N ALA B 236 -9.05 -30.77 -3.71
CA ALA B 236 -9.99 -29.76 -3.19
C ALA B 236 -10.05 -29.81 -1.64
N ASN B 237 -9.08 -30.42 -0.95
CA ASN B 237 -8.96 -30.31 0.53
C ASN B 237 -8.69 -28.83 0.89
#